data_6L16
#
_entry.id   6L16
#
_cell.length_a   98.031
_cell.length_b   98.031
_cell.length_c   80.915
_cell.angle_alpha   90.000
_cell.angle_beta   90.000
_cell.angle_gamma   120.000
#
_symmetry.space_group_name_H-M   'P 65'
#
loop_
_entity.id
_entity.type
_entity.pdbx_description
1 polymer 'Serine/threonine-protein kinase pim-1'
2 non-polymer 2-[4-[2-(7-chloranylpyrido[3,4-b][1,4]benzoxazin-5-yl)ethyl]piperidin-1-yl]ethanamine
3 water water
#
_entity_poly.entity_id   1
_entity_poly.type   'polypeptide(L)'
_entity_poly.pdbx_seq_one_letter_code
;GPHMKEKEPLESQYQVGPLLGSGGFGSVYSGIRVSDNLPVAIKHVEKDRISDWGELPNGTRVPMEVVLLKKVSSGFSGVI
RLLDWFERPDSFVLILERPEPVQDLFDFITERGALQEELARSFFWQVLEAVRHCHNCGVLHRDIKDENILIDLNRGELKL
IDFGSGALLKDTVYTDFDGTRVYSPPEWIRYHRYHGRSAAVWSLGILLYDMVCGDIPFEHDEEIIRGQVFFRQRVS
(SEP)ECQHLIRWCLALRPSDRPTFEEIQNHPWMQDVLLPQETAEIHLHSLSPGPSK
;
_entity_poly.pdbx_strand_id   A
#
loop_
_chem_comp.id
_chem_comp.type
_chem_comp.name
_chem_comp.formula
E2U non-polymer 2-[4-[2-(7-chloranylpyrido[3,4-b][1,4]benzoxazin-5-yl)ethyl]piperidin-1-yl]ethanamine 'C20 H25 Cl N4 O'
#
# COMPACT_ATOMS: atom_id res chain seq x y z
N PRO A 9 -10.05 -29.26 -2.82
CA PRO A 9 -9.59 -28.91 -1.47
C PRO A 9 -9.92 -27.48 -1.03
N LEU A 10 -9.87 -26.51 -1.95
CA LEU A 10 -10.25 -25.12 -1.66
C LEU A 10 -11.63 -25.02 -1.00
N GLU A 11 -12.62 -25.67 -1.61
CA GLU A 11 -14.03 -25.56 -1.18
C GLU A 11 -14.28 -26.16 0.21
N SER A 12 -13.57 -27.23 0.56
CA SER A 12 -13.72 -27.89 1.87
C SER A 12 -12.98 -27.16 3.01
N GLN A 13 -11.81 -26.63 2.69
CA GLN A 13 -10.89 -26.08 3.68
C GLN A 13 -11.25 -24.65 4.10
N TYR A 14 -12.06 -23.96 3.30
CA TYR A 14 -12.45 -22.59 3.60
C TYR A 14 -13.95 -22.42 3.49
N GLN A 15 -14.50 -21.68 4.43
CA GLN A 15 -15.90 -21.29 4.44
C GLN A 15 -16.03 -19.86 3.93
N VAL A 16 -16.75 -19.67 2.82
CA VAL A 16 -16.83 -18.36 2.16
C VAL A 16 -17.92 -17.50 2.82
N GLY A 17 -17.65 -16.20 2.93
CA GLY A 17 -18.59 -15.23 3.49
C GLY A 17 -18.93 -14.17 2.47
N PRO A 18 -19.31 -12.98 2.95
CA PRO A 18 -19.67 -11.91 2.02
C PRO A 18 -18.53 -11.49 1.09
N LEU A 19 -18.89 -10.98 -0.08
CA LEU A 19 -17.98 -10.27 -0.96
C LEU A 19 -17.56 -9.00 -0.25
N LEU A 20 -16.25 -8.79 -0.11
CA LEU A 20 -15.73 -7.53 0.45
C LEU A 20 -15.66 -6.47 -0.65
N GLY A 21 -15.33 -6.84 -1.88
CA GLY A 21 -15.23 -5.88 -2.98
C GLY A 21 -14.62 -6.45 -4.24
N SER A 22 -14.71 -5.68 -5.30
CA SER A 22 -14.19 -6.13 -6.58
C SER A 22 -13.72 -4.94 -7.35
N GLY A 23 -12.79 -5.15 -8.26
CA GLY A 23 -12.29 -4.07 -9.07
C GLY A 23 -11.20 -4.59 -9.96
N GLY A 24 -10.22 -3.73 -10.27
CA GLY A 24 -9.09 -4.12 -11.15
C GLY A 24 -8.32 -5.33 -10.64
N PHE A 25 -8.28 -5.49 -9.33
CA PHE A 25 -7.61 -6.63 -8.66
C PHE A 25 -8.36 -7.98 -8.71
N GLY A 26 -9.62 -8.00 -9.16
CA GLY A 26 -10.45 -9.23 -9.12
C GLY A 26 -11.55 -9.10 -8.08
N SER A 27 -11.89 -10.19 -7.38
CA SER A 27 -12.95 -10.18 -6.38
C SER A 27 -12.46 -10.79 -5.11
N VAL A 28 -12.75 -10.14 -3.98
CA VAL A 28 -12.23 -10.58 -2.69
C VAL A 28 -13.40 -10.82 -1.74
N TYR A 29 -13.42 -11.99 -1.10
CA TYR A 29 -14.47 -12.40 -0.16
C TYR A 29 -13.91 -12.57 1.23
N SER A 30 -14.76 -12.32 2.21
CA SER A 30 -14.46 -12.65 3.59
C SER A 30 -14.56 -14.15 3.69
N GLY A 31 -13.74 -14.73 4.54
CA GLY A 31 -13.69 -16.18 4.69
C GLY A 31 -13.19 -16.59 6.04
N ILE A 32 -13.29 -17.90 6.27
CA ILE A 32 -12.88 -18.53 7.51
C ILE A 32 -12.17 -19.81 7.15
N ARG A 33 -11.02 -20.07 7.75
CA ARG A 33 -10.37 -21.37 7.62
C ARG A 33 -11.09 -22.32 8.58
N VAL A 34 -11.65 -23.40 8.06
CA VAL A 34 -12.47 -24.32 8.89
C VAL A 34 -11.62 -25.06 9.92
N SER A 35 -10.36 -25.33 9.60
CA SER A 35 -9.43 -25.99 10.52
C SER A 35 -9.34 -25.32 11.89
N ASP A 36 -9.27 -23.99 11.93
CA ASP A 36 -9.11 -23.24 13.20
C ASP A 36 -9.90 -21.93 13.32
N ASN A 37 -10.91 -21.75 12.46
CA ASN A 37 -11.68 -20.49 12.38
C ASN A 37 -10.86 -19.20 12.16
N LEU A 38 -9.69 -19.31 11.54
CA LEU A 38 -8.84 -18.15 11.30
C LEU A 38 -9.57 -17.25 10.30
N PRO A 39 -9.82 -15.97 10.66
CA PRO A 39 -10.37 -15.08 9.62
C PRO A 39 -9.39 -14.95 8.44
N VAL A 40 -9.90 -15.11 7.22
CA VAL A 40 -9.10 -14.95 6.02
C VAL A 40 -9.83 -14.09 4.99
N ALA A 41 -9.11 -13.72 3.94
CA ALA A 41 -9.70 -13.04 2.79
C ALA A 41 -9.38 -13.92 1.60
N ILE A 42 -10.33 -14.06 0.69
CA ILE A 42 -10.22 -14.98 -0.43
C ILE A 42 -10.32 -14.19 -1.71
N LYS A 43 -9.23 -14.17 -2.47
CA LYS A 43 -9.09 -13.30 -3.62
C LYS A 43 -9.05 -14.10 -4.91
N HIS A 44 -9.92 -13.77 -5.85
CA HIS A 44 -9.98 -14.46 -7.14
C HIS A 44 -9.51 -13.54 -8.22
N VAL A 45 -8.56 -14.04 -9.01
CA VAL A 45 -8.01 -13.29 -10.14
C VAL A 45 -8.21 -14.15 -11.39
N GLU A 46 -8.89 -13.59 -12.38
CA GLU A 46 -9.10 -14.26 -13.66
C GLU A 46 -7.78 -14.33 -14.43
N LYS A 47 -7.47 -15.52 -14.96
CA LYS A 47 -6.26 -15.72 -15.75
C LYS A 47 -6.16 -14.80 -16.95
N ASP A 48 -7.30 -14.53 -17.56
CA ASP A 48 -7.40 -13.64 -18.73
C ASP A 48 -6.97 -12.22 -18.40
N ARG A 49 -7.18 -11.79 -17.15
CA ARG A 49 -6.83 -10.45 -16.70
C ARG A 49 -5.38 -10.34 -16.17
N ILE A 50 -4.63 -11.44 -16.10
CA ILE A 50 -3.22 -11.39 -15.66
C ILE A 50 -2.32 -11.11 -16.87
N SER A 51 -1.72 -9.92 -16.88
CA SER A 51 -0.74 -9.54 -17.90
C SER A 51 0.70 -9.84 -17.48
N ASP A 52 0.90 -10.21 -16.21
CA ASP A 52 2.24 -10.28 -15.61
C ASP A 52 2.48 -11.55 -14.77
N TRP A 53 3.20 -12.50 -15.37
CA TRP A 53 3.39 -13.83 -14.79
C TRP A 53 4.78 -13.99 -14.19
N GLY A 54 4.91 -14.91 -13.24
CA GLY A 54 6.20 -15.32 -12.67
C GLY A 54 6.30 -16.83 -12.53
N GLU A 55 7.31 -17.28 -11.79
CA GLU A 55 7.63 -18.71 -11.64
C GLU A 55 8.25 -18.99 -10.26
N LEU A 56 8.04 -20.21 -9.75
CA LEU A 56 8.55 -20.60 -8.42
C LEU A 56 9.87 -21.39 -8.51
N THR A 60 6.09 -23.74 -13.15
CA THR A 60 4.77 -23.39 -12.66
C THR A 60 4.49 -21.91 -12.95
N ARG A 61 3.61 -21.64 -13.91
CA ARG A 61 3.16 -20.27 -14.20
C ARG A 61 2.21 -19.80 -13.08
N VAL A 62 2.54 -18.68 -12.44
CA VAL A 62 1.65 -18.05 -11.44
C VAL A 62 1.58 -16.53 -11.66
N PRO A 63 0.54 -15.88 -11.09
CA PRO A 63 0.56 -14.42 -11.11
C PRO A 63 1.74 -13.87 -10.32
N MET A 64 2.38 -12.81 -10.82
CA MET A 64 3.50 -12.15 -10.12
C MET A 64 3.19 -11.91 -8.64
N GLU A 65 1.95 -11.54 -8.40
CA GLU A 65 1.46 -11.31 -7.03
C GLU A 65 1.81 -12.44 -6.03
N VAL A 66 1.65 -13.70 -6.45
CA VAL A 66 2.03 -14.86 -5.62
C VAL A 66 3.56 -14.90 -5.39
N VAL A 67 4.36 -14.66 -6.44
CA VAL A 67 5.84 -14.58 -6.30
C VAL A 67 6.20 -13.51 -5.27
N LEU A 68 5.66 -12.30 -5.48
CA LEU A 68 5.98 -11.16 -4.61
C LEU A 68 5.56 -11.41 -3.19
N LEU A 69 4.35 -11.92 -2.98
CA LEU A 69 3.87 -12.21 -1.63
C LEU A 69 4.67 -13.29 -0.92
N LYS A 70 5.11 -14.32 -1.63
CA LYS A 70 5.97 -15.34 -1.03
C LYS A 70 7.31 -14.73 -0.59
N LYS A 71 7.83 -13.81 -1.40
CA LYS A 71 9.10 -13.15 -1.07
C LYS A 71 9.00 -12.30 0.19
N VAL A 72 7.82 -11.72 0.47
CA VAL A 72 7.60 -10.87 1.66
C VAL A 72 6.83 -11.50 2.82
N SER A 73 6.21 -12.68 2.64
CA SER A 73 5.36 -13.28 3.70
C SER A 73 6.15 -14.05 4.79
N SER A 74 7.47 -14.14 4.64
CA SER A 74 8.33 -14.68 5.71
C SER A 74 8.38 -13.73 6.88
N GLY A 75 8.29 -14.28 8.09
CA GLY A 75 8.36 -13.47 9.30
C GLY A 75 7.14 -12.57 9.49
N PHE A 76 7.23 -11.67 10.46
CA PHE A 76 6.18 -10.68 10.70
C PHE A 76 6.52 -9.40 9.94
N SER A 77 5.47 -8.70 9.51
CA SER A 77 5.63 -7.33 8.99
C SER A 77 4.25 -6.65 8.86
N GLY A 78 4.27 -5.41 8.40
CA GLY A 78 3.08 -4.70 7.98
C GLY A 78 2.67 -5.05 6.57
N VAL A 79 2.83 -6.33 6.15
CA VAL A 79 2.33 -6.80 4.85
C VAL A 79 1.33 -7.93 5.10
N ILE A 80 0.16 -7.85 4.48
CA ILE A 80 -0.81 -8.93 4.64
C ILE A 80 -0.25 -10.19 3.94
N ARG A 81 -0.24 -11.28 4.69
CA ARG A 81 0.49 -12.50 4.36
C ARG A 81 -0.36 -13.39 3.48
N LEU A 82 0.29 -14.00 2.50
CA LEU A 82 -0.30 -15.05 1.69
C LEU A 82 -0.23 -16.34 2.49
N LEU A 83 -1.40 -16.90 2.82
CA LEU A 83 -1.46 -18.14 3.59
C LEU A 83 -1.46 -19.36 2.67
N ASP A 84 -2.07 -19.24 1.49
CA ASP A 84 -2.11 -20.34 0.52
C ASP A 84 -2.62 -19.80 -0.80
N TRP A 85 -2.48 -20.60 -1.84
CA TRP A 85 -3.09 -20.28 -3.12
C TRP A 85 -3.52 -21.56 -3.81
N PHE A 86 -4.43 -21.42 -4.77
CA PHE A 86 -4.95 -22.54 -5.58
C PHE A 86 -5.09 -22.08 -6.99
N GLU A 87 -4.88 -23.00 -7.92
CA GLU A 87 -5.14 -22.74 -9.32
C GLU A 87 -6.46 -23.40 -9.70
N ARG A 88 -7.22 -22.71 -10.54
CA ARG A 88 -8.42 -23.23 -11.16
C ARG A 88 -8.24 -23.17 -12.67
N PRO A 89 -9.18 -23.76 -13.44
CA PRO A 89 -9.05 -23.67 -14.88
C PRO A 89 -8.96 -22.24 -15.42
N ASP A 90 -9.78 -21.33 -14.92
CA ASP A 90 -9.79 -19.96 -15.45
C ASP A 90 -9.34 -18.88 -14.46
N SER A 91 -8.93 -19.27 -13.26
CA SER A 91 -8.56 -18.31 -12.25
C SER A 91 -7.51 -18.83 -11.26
N PHE A 92 -6.91 -17.90 -10.52
CA PHE A 92 -6.13 -18.26 -9.32
C PHE A 92 -6.89 -17.76 -8.12
N VAL A 93 -6.76 -18.47 -7.02
CA VAL A 93 -7.41 -18.09 -5.79
C VAL A 93 -6.33 -17.94 -4.74
N LEU A 94 -6.33 -16.79 -4.07
CA LEU A 94 -5.32 -16.48 -3.03
C LEU A 94 -6.00 -16.40 -1.67
N ILE A 95 -5.40 -17.03 -0.67
CA ILE A 95 -5.90 -16.96 0.70
C ILE A 95 -4.95 -16.03 1.44
N LEU A 96 -5.52 -14.97 2.00
CA LEU A 96 -4.77 -13.89 2.61
C LEU A 96 -5.22 -13.72 4.05
N GLU A 97 -4.34 -13.20 4.90
CA GLU A 97 -4.73 -12.77 6.25
C GLU A 97 -5.87 -11.79 6.18
N ARG A 98 -6.72 -11.81 7.21
CA ARG A 98 -7.78 -10.83 7.40
C ARG A 98 -7.81 -10.40 8.86
N PRO A 99 -7.36 -9.17 9.16
CA PRO A 99 -7.54 -8.63 10.51
C PRO A 99 -9.01 -8.37 10.77
N GLU A 100 -9.40 -8.41 12.04
CA GLU A 100 -10.81 -8.27 12.42
C GLU A 100 -10.87 -7.69 13.84
N PRO A 101 -11.50 -6.53 14.06
CA PRO A 101 -12.05 -5.65 13.05
C PRO A 101 -11.02 -4.87 12.23
N VAL A 102 -11.43 -4.46 11.03
CA VAL A 102 -10.53 -3.85 10.06
C VAL A 102 -11.26 -2.76 9.29
N GLN A 103 -10.50 -1.78 8.84
CA GLN A 103 -10.99 -0.74 7.95
C GLN A 103 -9.81 -0.28 7.08
N ASP A 104 -10.02 -0.12 5.79
CA ASP A 104 -8.96 0.41 4.95
C ASP A 104 -8.84 1.91 5.17
N LEU A 105 -7.67 2.43 4.80
CA LEU A 105 -7.33 3.81 5.13
C LEU A 105 -8.17 4.80 4.34
N PHE A 106 -8.48 4.47 3.10
CA PHE A 106 -9.43 5.28 2.28
C PHE A 106 -10.76 5.53 3.01
N ASP A 107 -11.37 4.46 3.52
CA ASP A 107 -12.65 4.59 4.25
C ASP A 107 -12.48 5.34 5.55
N PHE A 108 -11.39 5.07 6.24
CA PHE A 108 -11.08 5.75 7.49
C PHE A 108 -10.98 7.26 7.30
N ILE A 109 -10.28 7.68 6.25
CA ILE A 109 -10.08 9.10 5.95
C ILE A 109 -11.39 9.74 5.43
N THR A 110 -12.13 9.03 4.58
CA THR A 110 -13.47 9.43 4.15
C THR A 110 -14.40 9.71 5.34
N GLU A 111 -14.39 8.83 6.34
CA GLU A 111 -15.23 9.00 7.55
C GLU A 111 -14.76 10.12 8.49
N ARG A 112 -13.48 10.11 8.84
CA ARG A 112 -12.95 11.05 9.83
C ARG A 112 -12.40 12.36 9.30
N GLY A 113 -12.19 12.46 7.99
CA GLY A 113 -11.53 13.62 7.39
C GLY A 113 -10.03 13.58 7.66
N ALA A 114 -9.39 14.74 7.50
CA ALA A 114 -7.96 14.91 7.76
C ALA A 114 -7.60 14.38 9.13
N LEU A 115 -6.49 13.65 9.18
CA LEU A 115 -6.02 13.00 10.40
C LEU A 115 -5.19 13.98 11.19
N GLN A 116 -5.35 13.99 12.51
CA GLN A 116 -4.40 14.67 13.39
C GLN A 116 -2.98 14.21 13.10
N GLU A 117 -2.00 15.10 13.29
CA GLU A 117 -0.64 14.83 12.90
C GLU A 117 0.01 13.69 13.65
N GLU A 118 -0.29 13.58 14.94
CA GLU A 118 0.19 12.46 15.75
C GLU A 118 -0.26 11.11 15.17
N LEU A 119 -1.49 11.05 14.71
CA LEU A 119 -2.03 9.85 14.09
C LEU A 119 -1.42 9.57 12.70
N ALA A 120 -1.38 10.61 11.85
CA ALA A 120 -0.70 10.51 10.54
C ALA A 120 0.75 10.04 10.69
N ARG A 121 1.44 10.52 11.72
CA ARG A 121 2.84 10.20 11.94
C ARG A 121 2.98 8.71 12.23
N SER A 122 2.12 8.20 13.11
CA SER A 122 2.11 6.79 13.46
C SER A 122 1.81 5.91 12.25
N PHE A 123 0.77 6.27 11.50
CA PHE A 123 0.37 5.54 10.30
C PHE A 123 1.47 5.57 9.22
N PHE A 124 1.99 6.76 8.96
CA PHE A 124 2.99 6.96 7.92
C PHE A 124 4.27 6.20 8.23
N TRP A 125 4.65 6.20 9.51
CA TRP A 125 5.83 5.49 9.95
C TRP A 125 5.68 4.00 9.70
N GLN A 126 4.52 3.45 10.04
CA GLN A 126 4.27 2.03 9.79
C GLN A 126 4.23 1.70 8.31
N VAL A 127 3.71 2.61 7.50
CA VAL A 127 3.76 2.37 6.04
C VAL A 127 5.23 2.31 5.59
N LEU A 128 6.03 3.27 6.04
CA LEU A 128 7.46 3.28 5.71
C LEU A 128 8.17 1.98 6.11
N GLU A 129 7.92 1.50 7.31
CA GLU A 129 8.52 0.22 7.76
C GLU A 129 8.09 -0.92 6.85
N ALA A 130 6.80 -0.96 6.45
CA ALA A 130 6.30 -2.01 5.53
C ALA A 130 6.94 -1.94 4.14
N VAL A 131 7.04 -0.73 3.61
CA VAL A 131 7.68 -0.52 2.30
C VAL A 131 9.18 -0.87 2.34
N ARG A 132 9.87 -0.52 3.42
CA ARG A 132 11.29 -0.90 3.58
C ARG A 132 11.45 -2.42 3.63
N HIS A 133 10.55 -3.07 4.34
CA HIS A 133 10.57 -4.52 4.38
C HIS A 133 10.37 -5.15 2.99
N CYS A 134 9.42 -4.63 2.22
CA CYS A 134 9.22 -5.09 0.85
C CYS A 134 10.51 -4.95 0.01
N HIS A 135 11.09 -3.74 0.07
CA HIS A 135 12.27 -3.44 -0.72
C HIS A 135 13.46 -4.29 -0.30
N ASN A 136 13.64 -4.49 0.99
CA ASN A 136 14.56 -5.51 1.51
C ASN A 136 14.40 -6.92 1.00
N CYS A 137 13.16 -7.31 0.79
CA CYS A 137 12.84 -8.63 0.26
C CYS A 137 12.94 -8.68 -1.27
N GLY A 138 13.32 -7.59 -1.91
CA GLY A 138 13.41 -7.55 -3.38
C GLY A 138 12.10 -7.27 -4.08
N VAL A 139 11.13 -6.67 -3.38
CA VAL A 139 9.78 -6.41 -3.92
C VAL A 139 9.42 -4.91 -3.97
N LEU A 140 8.94 -4.46 -5.13
CA LEU A 140 8.42 -3.10 -5.33
C LEU A 140 6.87 -3.18 -5.46
N HIS A 141 6.15 -2.54 -4.55
CA HIS A 141 4.66 -2.59 -4.56
C HIS A 141 4.05 -1.89 -5.79
N ARG A 142 4.52 -0.67 -6.07
CA ARG A 142 4.09 0.16 -7.22
C ARG A 142 2.65 0.72 -7.23
N ASP A 143 1.96 0.61 -6.11
CA ASP A 143 0.59 1.13 -5.97
C ASP A 143 0.28 1.49 -4.52
N ILE A 144 1.25 2.13 -3.86
CA ILE A 144 1.07 2.54 -2.48
C ILE A 144 0.01 3.64 -2.47
N LYS A 145 -1.05 3.45 -1.71
CA LYS A 145 -2.16 4.43 -1.63
C LYS A 145 -3.10 4.02 -0.50
N ASP A 146 -3.96 4.96 -0.11
CA ASP A 146 -4.87 4.78 1.03
C ASP A 146 -5.70 3.50 0.96
N GLU A 147 -6.21 3.15 -0.21
CA GLU A 147 -7.03 1.94 -0.30
C GLU A 147 -6.27 0.62 -0.38
N ASN A 148 -4.94 0.69 -0.49
CA ASN A 148 -4.09 -0.49 -0.30
C ASN A 148 -3.48 -0.63 1.07
N ILE A 149 -4.05 0.06 2.06
CA ILE A 149 -3.57 0.00 3.43
C ILE A 149 -4.77 -0.34 4.34
N LEU A 150 -4.62 -1.41 5.10
CA LEU A 150 -5.63 -1.85 6.06
C LEU A 150 -5.20 -1.46 7.45
N ILE A 151 -6.16 -1.02 8.26
CA ILE A 151 -5.91 -0.74 9.64
C ILE A 151 -6.56 -1.83 10.50
N ASP A 152 -5.73 -2.51 11.28
CA ASP A 152 -6.20 -3.36 12.38
C ASP A 152 -6.60 -2.41 13.52
N LEU A 153 -7.92 -2.20 13.63
CA LEU A 153 -8.50 -1.22 14.56
C LEU A 153 -8.22 -1.45 16.06
N ASN A 154 -8.04 -2.71 16.47
CA ASN A 154 -7.70 -3.03 17.86
C ASN A 154 -6.25 -2.83 18.21
N ARG A 155 -5.36 -3.25 17.32
CA ARG A 155 -3.91 -3.18 17.57
C ARG A 155 -3.25 -1.91 17.04
N GLY A 156 -3.98 -1.16 16.21
CA GLY A 156 -3.46 0.07 15.59
C GLY A 156 -2.35 -0.19 14.56
N GLU A 157 -2.37 -1.40 13.99
CA GLU A 157 -1.35 -1.88 13.07
C GLU A 157 -1.87 -1.76 11.65
N LEU A 158 -0.99 -1.29 10.74
CA LEU A 158 -1.32 -1.03 9.34
C LEU A 158 -0.73 -2.18 8.53
N LYS A 159 -1.41 -2.56 7.47
CA LYS A 159 -1.00 -3.70 6.64
C LYS A 159 -1.18 -3.37 5.16
N LEU A 160 -0.14 -3.62 4.37
CA LEU A 160 -0.18 -3.38 2.93
C LEU A 160 -0.86 -4.50 2.21
N ILE A 161 -1.71 -4.16 1.24
CA ILE A 161 -2.37 -5.15 0.42
C ILE A 161 -2.25 -4.85 -1.04
N ASP A 162 -2.59 -5.86 -1.83
CA ASP A 162 -2.67 -5.79 -3.28
C ASP A 162 -1.33 -5.54 -3.97
N PHE A 163 -0.60 -6.63 -4.16
CA PHE A 163 0.65 -6.63 -4.88
C PHE A 163 0.51 -6.94 -6.38
N GLY A 164 -0.71 -6.80 -6.91
CA GLY A 164 -1.00 -7.15 -8.29
C GLY A 164 -0.45 -6.22 -9.35
N SER A 165 0.02 -5.03 -8.99
CA SER A 165 0.76 -4.14 -9.93
C SER A 165 2.25 -4.09 -9.63
N GLY A 166 2.69 -4.94 -8.73
CA GLY A 166 4.06 -4.87 -8.22
C GLY A 166 5.06 -5.53 -9.14
N ALA A 167 6.33 -5.47 -8.76
CA ALA A 167 7.40 -6.09 -9.51
C ALA A 167 8.57 -6.43 -8.62
N LEU A 168 9.48 -7.17 -9.22
CA LEU A 168 10.74 -7.43 -8.58
C LEU A 168 11.45 -6.09 -8.58
N LEU A 169 12.08 -5.77 -7.46
CA LEU A 169 12.86 -4.54 -7.37
C LEU A 169 14.13 -4.72 -8.19
N LYS A 170 14.48 -3.69 -8.96
CA LYS A 170 15.71 -3.66 -9.75
C LYS A 170 16.23 -2.24 -9.76
N ASP A 171 17.47 -2.04 -10.21
CA ASP A 171 18.13 -0.72 -10.19
C ASP A 171 18.06 0.03 -11.51
N THR A 172 17.55 -0.63 -12.54
CA THR A 172 17.38 -0.05 -13.87
C THR A 172 15.95 0.49 -14.04
N VAL A 173 15.71 1.16 -15.16
CA VAL A 173 14.47 1.90 -15.39
C VAL A 173 13.28 0.97 -15.59
N TYR A 174 12.12 1.39 -15.06
CA TYR A 174 10.83 0.75 -15.32
C TYR A 174 10.16 1.60 -16.40
N THR A 175 9.59 0.93 -17.40
CA THR A 175 8.85 1.58 -18.47
C THR A 175 7.41 1.04 -18.60
N ASP A 176 6.96 0.28 -17.62
CA ASP A 176 5.58 -0.15 -17.49
C ASP A 176 5.05 0.34 -16.14
N PHE A 177 3.76 0.64 -16.08
CA PHE A 177 3.13 1.03 -14.85
C PHE A 177 1.63 0.81 -14.90
N ASP A 178 1.12 0.16 -13.88
CA ASP A 178 -0.26 -0.25 -13.79
C ASP A 178 -0.89 0.18 -12.48
N GLY A 179 -0.26 1.13 -11.79
CA GLY A 179 -0.76 1.60 -10.50
C GLY A 179 -1.79 2.68 -10.74
N THR A 180 -1.96 3.53 -9.75
CA THR A 180 -2.96 4.58 -9.77
C THR A 180 -2.28 5.83 -10.23
N ARG A 181 -2.88 6.48 -11.23
CA ARG A 181 -2.26 7.58 -11.95
C ARG A 181 -1.97 8.78 -11.05
N VAL A 182 -2.96 9.14 -10.25
CA VAL A 182 -2.86 10.29 -9.34
C VAL A 182 -1.82 10.11 -8.24
N TYR A 183 -1.36 8.87 -8.02
CA TYR A 183 -0.19 8.62 -7.16
C TYR A 183 1.11 8.42 -7.96
N SER A 184 1.05 8.57 -9.29
CA SER A 184 2.19 8.26 -10.17
C SER A 184 3.06 9.49 -10.39
N PRO A 185 4.37 9.30 -10.52
CA PRO A 185 5.25 10.44 -10.47
C PRO A 185 5.30 11.20 -11.79
N PRO A 186 5.82 12.43 -11.77
CA PRO A 186 5.89 13.25 -12.98
C PRO A 186 6.73 12.67 -14.11
N GLU A 187 7.81 11.97 -13.75
CA GLU A 187 8.69 11.32 -14.71
C GLU A 187 7.96 10.20 -15.49
N TRP A 188 7.01 9.54 -14.83
CA TRP A 188 6.13 8.60 -15.55
C TRP A 188 5.19 9.37 -16.50
N ILE A 189 4.53 10.39 -15.98
CA ILE A 189 3.59 11.18 -16.78
C ILE A 189 4.29 11.72 -18.03
N ARG A 190 5.46 12.33 -17.88
CA ARG A 190 6.16 12.97 -19.00
C ARG A 190 6.90 11.98 -19.91
N TYR A 191 7.63 11.02 -19.33
CA TYR A 191 8.59 10.21 -20.10
C TYR A 191 8.27 8.74 -20.17
N HIS A 192 7.27 8.29 -19.42
CA HIS A 192 7.00 6.86 -19.29
C HIS A 192 8.21 6.09 -18.74
N ARG A 193 8.99 6.73 -17.89
CA ARG A 193 10.09 6.07 -17.20
C ARG A 193 10.15 6.48 -15.76
N TYR A 194 10.55 5.54 -14.90
CA TYR A 194 10.83 5.85 -13.49
C TYR A 194 11.75 4.80 -12.92
N HIS A 195 12.42 5.13 -11.83
CA HIS A 195 13.14 4.14 -11.00
C HIS A 195 12.31 3.84 -9.79
N GLY A 196 12.48 2.64 -9.24
CA GLY A 196 11.59 2.07 -8.23
C GLY A 196 11.45 2.87 -6.96
N ARG A 197 12.59 3.13 -6.32
CA ARG A 197 12.61 3.72 -5.00
C ARG A 197 12.10 5.13 -5.00
N SER A 198 12.54 5.93 -5.97
CA SER A 198 12.15 7.32 -6.04
C SER A 198 10.69 7.52 -6.44
N ALA A 199 10.19 6.63 -7.31
CA ALA A 199 8.75 6.60 -7.60
C ALA A 199 7.97 6.26 -6.33
N ALA A 200 8.46 5.27 -5.57
CA ALA A 200 7.81 4.91 -4.33
C ALA A 200 7.78 6.09 -3.35
N VAL A 201 8.83 6.90 -3.31
CA VAL A 201 8.88 8.07 -2.42
C VAL A 201 7.85 9.12 -2.85
N TRP A 202 7.69 9.33 -4.15
CA TRP A 202 6.66 10.23 -4.66
C TRP A 202 5.27 9.80 -4.15
N SER A 203 4.94 8.52 -4.33
CA SER A 203 3.65 7.99 -3.88
C SER A 203 3.46 8.13 -2.37
N LEU A 204 4.54 7.99 -1.62
CA LEU A 204 4.52 8.25 -0.17
C LEU A 204 4.22 9.70 0.16
N GLY A 205 4.77 10.64 -0.60
CA GLY A 205 4.41 12.05 -0.44
C GLY A 205 2.94 12.33 -0.71
N ILE A 206 2.37 11.69 -1.72
CA ILE A 206 0.92 11.80 -2.05
C ILE A 206 0.10 11.27 -0.87
N LEU A 207 0.52 10.12 -0.36
CA LEU A 207 -0.16 9.46 0.74
C LEU A 207 -0.14 10.32 2.02
N LEU A 208 1.01 10.91 2.34
CA LEU A 208 1.15 11.71 3.54
C LEU A 208 0.27 12.96 3.42
N TYR A 209 0.29 13.62 2.27
CA TYR A 209 -0.60 14.75 2.02
C TYR A 209 -2.06 14.31 2.23
N ASP A 210 -2.44 13.19 1.63
CA ASP A 210 -3.77 12.62 1.78
C ASP A 210 -4.19 12.42 3.24
N MET A 211 -3.29 11.87 4.04
CA MET A 211 -3.51 11.72 5.45
C MET A 211 -3.79 13.04 6.16
N VAL A 212 -2.94 14.04 5.95
CA VAL A 212 -3.05 15.28 6.74
C VAL A 212 -4.01 16.30 6.14
N CYS A 213 -4.42 16.12 4.90
CA CYS A 213 -5.40 17.05 4.29
C CYS A 213 -6.75 16.41 4.05
N GLY A 214 -6.81 15.07 4.07
CA GLY A 214 -8.06 14.36 3.82
C GLY A 214 -8.42 14.23 2.36
N ASP A 215 -7.51 14.62 1.46
CA ASP A 215 -7.67 14.42 0.03
C ASP A 215 -6.28 14.43 -0.63
N ILE A 216 -6.21 13.95 -1.86
CA ILE A 216 -4.97 13.92 -2.64
C ILE A 216 -4.65 15.31 -3.20
N PRO A 217 -3.36 15.61 -3.43
CA PRO A 217 -3.02 16.99 -3.83
C PRO A 217 -3.28 17.31 -5.30
N PHE A 218 -3.19 16.30 -6.17
CA PHE A 218 -3.21 16.52 -7.63
C PHE A 218 -4.29 15.64 -8.22
N GLU A 219 -5.07 16.23 -9.10
CA GLU A 219 -6.12 15.52 -9.84
C GLU A 219 -5.66 15.23 -11.27
N HIS A 220 -5.17 16.26 -11.97
CA HIS A 220 -4.84 16.18 -13.40
C HIS A 220 -3.34 16.06 -13.64
N ASP A 221 -2.99 15.47 -14.78
CA ASP A 221 -1.59 15.36 -15.25
C ASP A 221 -0.77 16.66 -15.15
N GLU A 222 -1.41 17.78 -15.49
CA GLU A 222 -0.74 19.09 -15.55
C GLU A 222 -0.33 19.57 -14.15
N GLU A 223 -1.14 19.21 -13.17
CA GLU A 223 -0.84 19.53 -11.77
C GLU A 223 0.32 18.67 -11.26
N ILE A 224 0.31 17.39 -11.61
CA ILE A 224 1.42 16.46 -11.25
C ILE A 224 2.75 17.02 -11.76
N ILE A 225 2.76 17.39 -13.04
CA ILE A 225 3.97 17.92 -13.73
C ILE A 225 4.41 19.28 -13.18
N ARG A 226 3.46 20.15 -12.87
CA ARG A 226 3.76 21.40 -12.20
C ARG A 226 4.29 21.14 -10.78
N GLY A 227 3.71 20.15 -10.09
CA GLY A 227 4.22 19.72 -8.77
C GLY A 227 4.14 20.75 -7.65
N GLN A 228 3.26 21.72 -7.77
CA GLN A 228 3.14 22.76 -6.76
C GLN A 228 2.08 22.32 -5.78
N VAL A 229 2.45 22.28 -4.51
CA VAL A 229 1.61 21.75 -3.45
C VAL A 229 0.94 22.90 -2.71
N PHE A 230 -0.39 22.87 -2.64
CA PHE A 230 -1.16 23.81 -1.83
C PHE A 230 -1.94 23.07 -0.74
N PHE A 231 -1.91 23.64 0.46
CA PHE A 231 -2.55 23.07 1.63
C PHE A 231 -3.85 23.77 1.90
N ARG A 232 -4.94 23.01 1.91
CA ARG A 232 -6.29 23.51 2.20
C ARG A 232 -6.60 23.42 3.71
N GLN A 233 -5.78 22.67 4.43
CA GLN A 233 -5.94 22.39 5.84
C GLN A 233 -4.69 22.91 6.57
N ARG A 234 -4.84 23.20 7.86
CA ARG A 234 -3.72 23.62 8.71
C ARG A 234 -2.77 22.44 8.93
N VAL A 235 -1.51 22.58 8.49
CA VAL A 235 -0.50 21.53 8.60
C VAL A 235 0.81 22.23 9.00
N SER A 236 1.50 21.63 9.93
CA SER A 236 2.76 22.13 10.41
C SER A 236 3.81 22.32 9.33
N SEP A 237 4.72 23.24 9.56
CA SEP A 237 5.68 23.69 8.59
CB SEP A 237 6.45 24.83 9.27
OG SEP A 237 5.65 25.98 9.55
C SEP A 237 6.56 22.54 8.14
O SEP A 237 6.96 22.30 7.04
P SEP A 237 5.28 26.53 11.04
O1P SEP A 237 6.59 26.79 11.67
O2P SEP A 237 4.55 27.82 10.84
O3P SEP A 237 4.49 25.41 11.66
N GLU A 238 6.80 21.76 9.13
CA GLU A 238 7.66 20.57 9.25
C GLU A 238 7.05 19.41 8.45
N CYS A 239 5.78 19.14 8.66
CA CYS A 239 5.06 18.17 7.85
C CYS A 239 4.99 18.66 6.39
N GLN A 240 4.67 19.94 6.20
CA GLN A 240 4.69 20.56 4.85
C GLN A 240 6.02 20.36 4.12
N HIS A 241 7.12 20.57 4.85
CA HIS A 241 8.45 20.42 4.33
C HIS A 241 8.73 18.96 3.88
N LEU A 242 8.38 17.99 4.72
CA LEU A 242 8.55 16.57 4.36
C LEU A 242 7.76 16.20 3.10
N ILE A 243 6.52 16.67 3.02
CA ILE A 243 5.66 16.42 1.88
C ILE A 243 6.29 17.00 0.60
N ARG A 244 6.72 18.26 0.65
CA ARG A 244 7.30 18.93 -0.52
C ARG A 244 8.60 18.30 -0.95
N TRP A 245 9.34 17.80 0.01
CA TRP A 245 10.54 17.03 -0.26
C TRP A 245 10.23 15.72 -0.99
N CYS A 246 9.29 14.92 -0.48
CA CYS A 246 8.87 13.68 -1.16
C CYS A 246 8.36 13.92 -2.57
N LEU A 247 7.70 15.06 -2.76
CA LEU A 247 7.14 15.44 -4.04
C LEU A 247 8.07 16.34 -4.87
N ALA A 248 9.38 16.26 -4.68
CA ALA A 248 10.31 16.95 -5.57
C ALA A 248 10.13 16.43 -7.00
N LEU A 249 10.09 17.37 -7.94
CA LEU A 249 9.93 17.08 -9.36
C LEU A 249 11.07 16.20 -9.89
N ARG A 250 12.30 16.51 -9.51
CA ARG A 250 13.43 15.69 -9.94
C ARG A 250 13.56 14.51 -8.98
N PRO A 251 13.53 13.25 -9.50
CA PRO A 251 13.66 12.05 -8.66
C PRO A 251 14.83 12.09 -7.67
N SER A 252 15.98 12.62 -8.11
CA SER A 252 17.19 12.69 -7.27
C SER A 252 17.12 13.76 -6.17
N ASP A 253 16.17 14.70 -6.24
CA ASP A 253 15.92 15.64 -5.14
C ASP A 253 15.04 15.09 -4.02
N ARG A 254 14.50 13.88 -4.20
CA ARG A 254 13.66 13.22 -3.20
C ARG A 254 14.49 12.55 -2.11
N PRO A 255 13.93 12.48 -0.89
CA PRO A 255 14.61 11.79 0.17
C PRO A 255 14.59 10.27 -0.01
N THR A 256 15.64 9.65 0.52
CA THR A 256 15.72 8.19 0.67
C THR A 256 14.81 7.83 1.85
N PHE A 257 14.51 6.55 2.04
CA PHE A 257 13.68 6.15 3.20
C PHE A 257 14.32 6.57 4.52
N GLU A 258 15.65 6.41 4.61
CA GLU A 258 16.40 6.82 5.78
C GLU A 258 16.19 8.28 6.09
N GLU A 259 16.29 9.12 5.07
CA GLU A 259 16.10 10.55 5.26
C GLU A 259 14.66 10.93 5.65
N ILE A 260 13.67 10.21 5.13
CA ILE A 260 12.29 10.41 5.56
C ILE A 260 12.16 10.11 7.06
N GLN A 261 12.63 8.95 7.49
CA GLN A 261 12.50 8.53 8.87
C GLN A 261 13.36 9.29 9.89
N ASN A 262 14.39 9.99 9.41
CA ASN A 262 15.21 10.89 10.26
C ASN A 262 14.74 12.34 10.20
N HIS A 263 13.67 12.61 9.45
CA HIS A 263 13.17 13.94 9.31
C HIS A 263 12.58 14.39 10.68
N PRO A 264 12.69 15.68 11.04
CA PRO A 264 12.14 16.16 12.33
C PRO A 264 10.67 15.85 12.61
N TRP A 265 9.82 15.95 11.58
CA TRP A 265 8.43 15.55 11.71
C TRP A 265 8.22 14.10 12.12
N MET A 266 9.14 13.21 11.74
CA MET A 266 9.02 11.79 12.08
C MET A 266 9.50 11.37 13.50
N GLN A 267 9.94 12.32 14.32
CA GLN A 267 10.43 11.99 15.69
C GLN A 267 9.28 11.67 16.64
N ASP A 268 9.55 10.83 17.64
CA ASP A 268 8.62 10.51 18.74
C ASP A 268 7.32 9.89 18.24
N VAL A 269 7.46 8.86 17.40
CA VAL A 269 6.30 8.16 16.90
C VAL A 269 5.67 7.38 18.04
N LEU A 270 4.34 7.36 18.07
CA LEU A 270 3.63 6.46 18.96
C LEU A 270 3.77 5.04 18.47
N LEU A 271 3.82 4.09 19.40
CA LEU A 271 3.73 2.69 19.03
C LEU A 271 2.28 2.37 18.61
N PRO A 272 2.09 1.30 17.80
CA PRO A 272 0.73 0.97 17.32
C PRO A 272 -0.33 0.89 18.40
N GLN A 273 -0.02 0.17 19.48
CA GLN A 273 -1.02 -0.05 20.54
C GLN A 273 -1.51 1.26 21.17
N GLU A 274 -0.58 2.14 21.55
CA GLU A 274 -0.97 3.46 22.08
C GLU A 274 -1.67 4.32 21.05
N THR A 275 -1.32 4.17 19.77
CA THR A 275 -2.06 4.82 18.71
C THR A 275 -3.53 4.37 18.71
N ALA A 276 -3.78 3.07 18.87
CA ALA A 276 -5.18 2.60 18.86
C ALA A 276 -5.93 3.09 20.12
N GLU A 277 -5.27 3.04 21.28
CA GLU A 277 -5.87 3.55 22.53
C GLU A 277 -6.30 5.00 22.43
N ILE A 278 -5.38 5.85 21.99
CA ILE A 278 -5.63 7.29 21.87
C ILE A 278 -6.62 7.61 20.77
N HIS A 279 -6.49 6.99 19.60
CA HIS A 279 -7.21 7.43 18.40
C HIS A 279 -8.23 6.49 17.80
N LEU A 280 -8.18 5.19 18.14
CA LEU A 280 -9.04 4.21 17.48
C LEU A 280 -10.10 3.57 18.40
N HIS A 281 -9.79 3.36 19.68
CA HIS A 281 -10.78 2.85 20.67
C HIS A 281 -11.76 3.95 21.06
C4 E2U B . -7.80 -5.98 -2.28
C5 E2U B . -6.98 -6.24 -3.28
C7 E2U B . -5.73 -7.88 -2.03
C8 E2U B . -6.67 -7.60 -0.90
C10 E2U B . -7.26 -8.12 1.39
C13 E2U B . -8.91 -7.73 3.59
C15 E2U B . -7.00 -8.93 2.63
C17 E2U B . -10.93 -5.67 -0.56
C20 E2U B . -11.55 -4.23 -0.45
C21 E2U B . -11.85 -3.66 -1.81
C22 E2U B . -12.33 -2.21 -1.62
C24 E2U B . -13.98 -0.77 -0.56
C1 E2U B . -9.55 -5.45 0.06
N2 E2U B . -8.51 -6.52 0.10
C11 E2U B . -8.24 -7.24 1.30
C3 E2U B . -7.62 -6.74 -1.00
C12 E2U B . -9.15 -7.04 2.51
N23 E2U B . -13.52 -2.13 -0.72
CL1 E2U B . -10.00 -7.41 4.93
C18 E2U B . -13.27 -2.81 0.59
C14 E2U B . -7.77 -8.73 3.68
N6 E2U B . -5.89 -7.25 -3.13
C19 E2U B . -12.78 -4.23 0.38
C25 E2U B . -13.11 0.08 0.38
N26 E2U B . -13.20 1.50 0.15
O9 E2U B . -6.40 -8.35 0.28
#